data_4CCG
#
_entry.id   4CCG
#
_cell.length_a   109.224
_cell.length_b   109.224
_cell.length_c   117.728
_cell.angle_alpha   90.00
_cell.angle_beta   90.00
_cell.angle_gamma   90.00
#
_symmetry.space_group_name_H-M   'P 43 21 2'
#
loop_
_entity.id
_entity.type
_entity.pdbx_description
1 polymer 'UBIQUITIN-CONJUGATING ENZYME E2 T'
2 polymer 'E3 UBIQUITIN-PROTEIN LIGASE FANCL'
3 non-polymer '4-(2-HYDROXYETHYL)-1-PIPERAZINE ETHANESULFONIC ACID'
4 non-polymer GLYCEROL
5 non-polymer 'SULFATE ION'
6 non-polymer 'CHLORIDE ION'
7 non-polymer 'SODIUM ION'
8 non-polymer 'ZINC ION'
9 non-polymer 'AMMONIUM ION'
10 water water
#
loop_
_entity_poly.entity_id
_entity_poly.type
_entity_poly.pdbx_seq_one_letter_code
_entity_poly.pdbx_strand_id
1 'polypeptide(L)'
;TGSTGSTGENLYTQGMQRASRLKRELHMLATEPPPGITCWQDKDQMDDLRAQILGGANTPYEKGVFKLEVIIPERYPFEP
PQIRFLTPIYHPNIDSAGRICLDVLKLPPKGAWRPSLNIATVLTSIQLLMSEPNPDDPLMADISSEFKYNKPAFLKNARQ
WTEKHARQKQKADEEEMLDNLPEAGDSRVHNSTQKRKASQLVGIEKKFHPDV
;
A,B
2 'polypeptide(L)'
;LEIDFPARAILEKSDFTMDCGICYAYQLDGTIPDQVCDNSQCGQPFHQICLYEWLRGLLTSRQSFNIIFGECPYCSKPIT
LKMSGRKH
;
X,Y
#
loop_
_chem_comp.id
_chem_comp.type
_chem_comp.name
_chem_comp.formula
CL non-polymer 'CHLORIDE ION' 'Cl -1'
EPE non-polymer '4-(2-HYDROXYETHYL)-1-PIPERAZINE ETHANESULFONIC ACID' 'C8 H18 N2 O4 S'
GOL non-polymer GLYCEROL 'C3 H8 O3'
NA non-polymer 'SODIUM ION' 'Na 1'
NH4 non-polymer 'AMMONIUM ION' 'H4 N 1'
SO4 non-polymer 'SULFATE ION' 'O4 S -2'
ZN non-polymer 'ZINC ION' 'Zn 2'
#
# COMPACT_ATOMS: atom_id res chain seq x y z
N TYR A 12 -9.53 -15.62 -7.44
CA TYR A 12 -8.84 -14.60 -6.67
C TYR A 12 -9.02 -13.21 -7.30
N THR A 13 -9.93 -12.43 -6.76
CA THR A 13 -10.16 -11.08 -7.24
C THR A 13 -9.41 -10.07 -6.38
N GLN A 14 -9.22 -8.88 -6.93
CA GLN A 14 -8.55 -7.81 -6.21
C GLN A 14 -9.37 -7.37 -4.99
N GLY A 15 -8.69 -7.16 -3.87
CA GLY A 15 -9.33 -6.62 -2.69
C GLY A 15 -10.15 -7.62 -1.90
N MET A 16 -9.86 -8.91 -2.07
CA MET A 16 -10.60 -9.93 -1.34
C MET A 16 -10.30 -9.87 0.14
N GLN A 17 -9.09 -9.46 0.48
CA GLN A 17 -8.68 -9.39 1.88
C GLN A 17 -9.39 -8.23 2.58
N ARG A 18 -9.67 -7.17 1.83
CA ARG A 18 -10.41 -6.04 2.36
C ARG A 18 -11.82 -6.47 2.79
N ALA A 19 -12.48 -7.25 1.94
CA ALA A 19 -13.83 -7.71 2.23
C ALA A 19 -13.88 -8.67 3.42
N SER A 20 -12.98 -9.65 3.45
CA SER A 20 -12.96 -10.61 4.55
C SER A 20 -12.60 -9.94 5.88
N ARG A 21 -11.69 -8.97 5.85
CA ARG A 21 -11.31 -8.21 7.03
C ARG A 21 -12.47 -7.33 7.55
N LEU A 22 -13.05 -6.54 6.66
CA LEU A 22 -14.11 -5.60 7.02
CA LEU A 22 -14.11 -5.59 7.01
C LEU A 22 -15.35 -6.31 7.53
N LYS A 23 -15.71 -7.39 6.85
CA LYS A 23 -16.86 -8.19 7.21
C LYS A 23 -16.78 -8.63 8.66
N ARG A 24 -15.61 -9.10 9.06
CA ARG A 24 -15.41 -9.63 10.40
C ARG A 24 -15.13 -8.54 11.44
N GLU A 25 -14.39 -7.51 11.03
CA GLU A 25 -14.04 -6.43 11.97
C GLU A 25 -15.29 -5.66 12.39
N LEU A 26 -16.16 -5.38 11.42
CA LEU A 26 -17.40 -4.65 11.67
C LEU A 26 -18.27 -5.40 12.65
N HIS A 27 -18.29 -6.72 12.51
CA HIS A 27 -19.12 -7.58 13.33
C HIS A 27 -18.58 -7.52 14.76
N MET A 28 -17.25 -7.52 14.88
CA MET A 28 -16.59 -7.47 16.18
C MET A 28 -16.74 -6.09 16.82
N LEU A 29 -16.73 -5.04 16.00
CA LEU A 29 -16.91 -3.68 16.49
C LEU A 29 -18.31 -3.45 17.01
N ALA A 30 -19.25 -4.27 16.55
CA ALA A 30 -20.64 -4.15 16.94
C ALA A 30 -20.93 -4.96 18.18
N THR A 31 -20.18 -6.05 18.38
CA THR A 31 -20.48 -6.97 19.47
C THR A 31 -19.53 -6.82 20.65
N GLU A 32 -18.25 -6.60 20.37
CA GLU A 32 -17.30 -6.41 21.47
C GLU A 32 -16.26 -5.37 21.12
N PRO A 33 -16.69 -4.11 20.98
CA PRO A 33 -15.78 -3.00 20.69
C PRO A 33 -14.98 -2.62 21.93
N PRO A 34 -13.84 -1.94 21.74
CA PRO A 34 -13.09 -1.42 22.89
C PRO A 34 -13.97 -0.50 23.71
N PRO A 35 -13.87 -0.57 25.04
CA PRO A 35 -14.68 0.31 25.89
C PRO A 35 -14.49 1.79 25.55
N GLY A 36 -15.59 2.52 25.48
CA GLY A 36 -15.58 3.93 25.14
C GLY A 36 -15.59 4.18 23.65
N ILE A 37 -15.65 3.08 22.88
CA ILE A 37 -15.55 3.16 21.43
C ILE A 37 -16.65 2.39 20.70
N THR A 38 -17.23 3.02 19.70
CA THR A 38 -18.16 2.36 18.79
C THR A 38 -17.74 2.66 17.36
N CYS A 39 -18.13 1.77 16.46
CA CYS A 39 -17.82 1.96 15.05
C CYS A 39 -18.77 1.13 14.20
N TRP A 40 -19.48 1.82 13.31
CA TRP A 40 -20.45 1.16 12.45
C TRP A 40 -20.41 1.72 11.04
N GLN A 41 -20.98 0.95 10.12
CA GLN A 41 -21.09 1.35 8.72
C GLN A 41 -22.01 2.56 8.63
N ASP A 42 -21.46 3.67 8.14
CA ASP A 42 -22.18 4.94 8.09
C ASP A 42 -23.45 4.83 7.25
N LYS A 43 -24.49 5.54 7.68
CA LYS A 43 -25.79 5.47 7.01
C LYS A 43 -25.81 6.29 5.72
N ASP A 44 -25.29 7.51 5.78
CA ASP A 44 -25.34 8.42 4.65
C ASP A 44 -24.18 8.21 3.67
N GLN A 45 -23.42 7.13 3.86
CA GLN A 45 -22.29 6.84 2.97
C GLN A 45 -22.19 5.34 2.69
N MET A 46 -22.31 4.54 3.75
CA MET A 46 -22.30 3.07 3.64
C MET A 46 -20.94 2.49 3.27
N ASP A 47 -20.19 3.20 2.43
CA ASP A 47 -18.84 2.78 2.08
C ASP A 47 -17.86 3.21 3.17
N ASP A 48 -18.16 4.33 3.81
CA ASP A 48 -17.34 4.85 4.89
C ASP A 48 -17.82 4.32 6.24
N LEU A 49 -16.94 4.37 7.24
CA LEU A 49 -17.33 3.96 8.58
C LEU A 49 -17.45 5.19 9.47
N ARG A 50 -18.34 5.11 10.43
CA ARG A 50 -18.47 6.15 11.44
C ARG A 50 -18.04 5.59 12.78
N ALA A 51 -17.18 6.32 13.48
CA ALA A 51 -16.70 5.89 14.77
C ALA A 51 -17.00 6.96 15.80
N GLN A 52 -17.15 6.55 17.05
CA GLN A 52 -17.39 7.49 18.13
C GLN A 52 -16.53 7.12 19.32
N ILE A 53 -15.80 8.11 19.82
CA ILE A 53 -15.03 7.91 21.03
C ILE A 53 -15.57 8.81 22.11
N LEU A 54 -15.98 8.22 23.22
CA LEU A 54 -16.43 8.98 24.37
C LEU A 54 -15.23 9.57 25.08
N GLY A 55 -15.35 10.82 25.50
CA GLY A 55 -14.29 11.47 26.24
C GLY A 55 -13.94 10.64 27.46
N GLY A 56 -12.66 10.35 27.64
CA GLY A 56 -12.24 9.51 28.75
C GLY A 56 -12.46 10.22 30.06
N ALA A 57 -12.69 9.44 31.11
CA ALA A 57 -12.89 10.01 32.44
C ALA A 57 -11.59 10.62 32.96
N ASN A 58 -11.74 11.70 33.72
CA ASN A 58 -10.59 12.42 34.26
C ASN A 58 -9.68 12.93 33.15
N THR A 59 -10.31 13.37 32.06
CA THR A 59 -9.65 14.12 30.99
C THR A 59 -10.55 15.30 30.64
N PRO A 60 -10.00 16.33 30.00
CA PRO A 60 -10.81 17.51 29.66
C PRO A 60 -11.89 17.23 28.61
N TYR A 61 -11.87 16.02 28.02
CA TYR A 61 -12.83 15.65 27.00
C TYR A 61 -14.00 14.85 27.57
N GLU A 62 -14.01 14.70 28.89
CA GLU A 62 -15.04 13.93 29.59
C GLU A 62 -16.44 14.41 29.28
N LYS A 63 -17.39 13.48 29.19
CA LYS A 63 -18.78 13.81 28.89
C LYS A 63 -18.90 14.38 27.48
N GLY A 64 -17.90 14.14 26.66
CA GLY A 64 -17.91 14.56 25.28
C GLY A 64 -17.98 13.35 24.37
N VAL A 65 -18.76 13.46 23.29
CA VAL A 65 -18.82 12.39 22.30
C VAL A 65 -18.17 12.87 21.01
N PHE A 66 -17.15 12.15 20.56
CA PHE A 66 -16.39 12.60 19.39
C PHE A 66 -16.60 11.71 18.18
N LYS A 67 -17.23 12.27 17.15
CA LYS A 67 -17.45 11.55 15.90
C LYS A 67 -16.18 11.48 15.08
N LEU A 68 -15.96 10.34 14.43
CA LEU A 68 -14.81 10.20 13.54
C LEU A 68 -15.23 9.57 12.22
N GLU A 69 -14.49 9.90 11.18
CA GLU A 69 -14.69 9.28 9.88
C GLU A 69 -13.60 8.25 9.65
N VAL A 70 -14.01 7.05 9.26
CA VAL A 70 -13.06 5.98 9.02
C VAL A 70 -13.19 5.48 7.59
N ILE A 71 -12.25 5.90 6.75
CA ILE A 71 -12.22 5.45 5.36
C ILE A 71 -11.28 4.27 5.21
N ILE A 72 -11.80 3.15 4.71
CA ILE A 72 -10.99 1.95 4.51
C ILE A 72 -10.50 1.88 3.07
N PRO A 73 -9.18 2.08 2.86
CA PRO A 73 -8.60 2.11 1.51
C PRO A 73 -8.75 0.76 0.79
N GLU A 74 -8.66 0.79 -0.53
CA GLU A 74 -8.83 -0.41 -1.35
C GLU A 74 -7.83 -1.51 -0.99
N ARG A 75 -6.63 -1.13 -0.56
CA ARG A 75 -5.59 -2.11 -0.26
C ARG A 75 -5.53 -2.50 1.22
N TYR A 76 -6.54 -2.12 1.99
CA TYR A 76 -6.66 -2.57 3.37
C TYR A 76 -6.70 -4.09 3.38
N PRO A 77 -6.02 -4.74 4.34
CA PRO A 77 -5.27 -4.16 5.46
C PRO A 77 -3.78 -3.96 5.19
N PHE A 78 -3.38 -3.95 3.93
CA PHE A 78 -1.97 -3.74 3.62
C PHE A 78 -1.66 -2.27 3.73
N GLU A 79 -2.70 -1.45 3.77
CA GLU A 79 -2.58 -0.03 4.05
C GLU A 79 -3.49 0.34 5.21
N PRO A 80 -3.06 1.32 6.01
CA PRO A 80 -3.79 1.74 7.22
C PRO A 80 -5.12 2.42 6.87
N PRO A 81 -6.08 2.38 7.80
CA PRO A 81 -7.34 3.12 7.63
C PRO A 81 -7.06 4.62 7.59
N GLN A 82 -7.98 5.39 7.03
CA GLN A 82 -7.82 6.84 7.00
C GLN A 82 -8.83 7.49 7.95
N ILE A 83 -8.35 8.04 9.05
CA ILE A 83 -9.25 8.50 10.10
C ILE A 83 -9.12 9.99 10.41
N ARG A 84 -10.24 10.70 10.40
CA ARG A 84 -10.30 12.09 10.80
C ARG A 84 -11.39 12.32 11.86
N PHE A 85 -11.17 13.30 12.71
CA PHE A 85 -12.20 13.75 13.63
C PHE A 85 -13.22 14.59 12.87
N LEU A 86 -14.49 14.23 12.94
CA LEU A 86 -15.54 15.08 12.43
C LEU A 86 -15.92 16.10 13.51
N THR A 87 -15.84 15.66 14.76
CA THR A 87 -16.08 16.54 15.90
C THR A 87 -14.80 17.29 16.23
N PRO A 88 -14.87 18.63 16.25
CA PRO A 88 -13.72 19.46 16.62
C PRO A 88 -13.16 19.11 17.99
N ILE A 89 -11.85 18.98 18.09
CA ILE A 89 -11.23 18.69 19.37
C ILE A 89 -9.96 19.51 19.56
N TYR A 90 -9.76 19.98 20.79
CA TYR A 90 -8.64 20.83 21.16
C TYR A 90 -7.50 19.95 21.67
N HIS A 91 -6.54 19.65 20.80
CA HIS A 91 -5.51 18.66 21.11
C HIS A 91 -4.21 18.96 20.34
N PRO A 92 -3.06 18.74 21.00
CA PRO A 92 -1.75 18.99 20.39
C PRO A 92 -1.50 18.18 19.11
N ASN A 93 -2.05 16.99 19.02
CA ASN A 93 -1.74 16.08 17.91
C ASN A 93 -2.87 15.96 16.88
N ILE A 94 -3.88 16.82 17.02
CA ILE A 94 -5.01 16.81 16.10
C ILE A 94 -5.34 18.24 15.66
N ASP A 95 -5.27 18.50 14.35
CA ASP A 95 -5.47 19.85 13.87
C ASP A 95 -6.95 20.23 13.75
N SER A 96 -7.20 21.45 13.33
CA SER A 96 -8.56 21.98 13.21
C SER A 96 -9.39 21.22 12.19
N ALA A 97 -8.71 20.56 11.24
CA ALA A 97 -9.38 19.85 10.17
C ALA A 97 -9.68 18.40 10.54
N GLY A 98 -9.31 18.04 11.77
CA GLY A 98 -9.57 16.70 12.27
C GLY A 98 -8.45 15.71 11.99
N ARG A 99 -7.40 16.17 11.31
CA ARG A 99 -6.28 15.30 10.99
C ARG A 99 -5.52 14.85 12.22
N ILE A 100 -5.16 13.58 12.26
CA ILE A 100 -4.54 12.99 13.43
C ILE A 100 -3.10 12.62 13.13
N CYS A 101 -2.18 13.05 13.98
CA CYS A 101 -0.79 12.66 13.83
C CYS A 101 -0.49 11.46 14.72
N LEU A 102 -0.51 10.28 14.12
CA LEU A 102 -0.34 9.03 14.85
C LEU A 102 0.39 8.03 13.96
N ASP A 103 1.44 7.41 14.49
CA ASP A 103 2.34 6.58 13.70
C ASP A 103 1.65 5.36 13.07
N VAL A 104 0.73 4.75 13.80
CA VAL A 104 0.04 3.56 13.29
C VAL A 104 -0.90 3.90 12.13
N LEU A 105 -1.06 5.19 11.85
CA LEU A 105 -1.91 5.60 10.73
C LEU A 105 -1.08 5.82 9.47
N LYS A 106 0.21 5.50 9.54
CA LYS A 106 1.08 5.66 8.38
C LYS A 106 1.91 4.41 8.13
N LEU A 107 2.19 4.14 6.86
CA LEU A 107 2.99 3.00 6.47
C LEU A 107 4.44 3.16 6.90
N PRO A 108 5.16 2.04 7.00
CA PRO A 108 6.62 2.09 7.22
C PRO A 108 7.28 2.74 6.02
N PRO A 109 8.52 3.25 6.17
CA PRO A 109 9.29 3.23 7.42
C PRO A 109 8.91 4.37 8.37
N LYS A 110 8.30 5.41 7.83
CA LYS A 110 7.94 6.58 8.63
C LYS A 110 6.89 6.24 9.67
N GLY A 111 5.90 5.43 9.27
CA GLY A 111 4.82 5.05 10.16
C GLY A 111 5.05 3.68 10.79
N ALA A 112 4.02 3.19 11.47
CA ALA A 112 4.12 1.92 12.18
C ALA A 112 2.96 0.98 11.88
N TRP A 113 2.25 1.23 10.79
CA TRP A 113 1.12 0.38 10.44
C TRP A 113 1.57 -0.98 9.94
N ARG A 114 0.86 -2.02 10.38
CA ARG A 114 1.04 -3.35 9.82
C ARG A 114 -0.26 -4.13 9.96
N PRO A 115 -0.43 -5.19 9.15
CA PRO A 115 -1.68 -5.94 9.06
C PRO A 115 -2.12 -6.58 10.37
N SER A 116 -1.21 -6.69 11.32
CA SER A 116 -1.53 -7.27 12.62
C SER A 116 -2.41 -6.32 13.44
N LEU A 117 -2.41 -5.06 13.04
CA LEU A 117 -3.30 -4.07 13.64
C LEU A 117 -4.63 -4.07 12.90
N ASN A 118 -5.63 -3.43 13.49
CA ASN A 118 -6.94 -3.31 12.84
C ASN A 118 -7.66 -2.07 13.32
N ILE A 119 -8.88 -1.89 12.84
CA ILE A 119 -9.69 -0.71 13.15
C ILE A 119 -9.80 -0.50 14.65
N ALA A 120 -10.05 -1.58 15.38
CA ALA A 120 -10.24 -1.50 16.81
C ALA A 120 -8.98 -1.00 17.51
N THR A 121 -7.82 -1.48 17.10
CA THR A 121 -6.58 -1.11 17.76
C THR A 121 -6.21 0.35 17.45
N VAL A 122 -6.41 0.79 16.22
CA VAL A 122 -6.07 2.17 15.88
C VAL A 122 -7.03 3.13 16.58
N LEU A 123 -8.30 2.75 16.69
CA LEU A 123 -9.25 3.57 17.43
C LEU A 123 -8.85 3.64 18.91
N THR A 124 -8.41 2.51 19.44
CA THR A 124 -7.92 2.47 20.81
C THR A 124 -6.68 3.36 20.97
N SER A 125 -5.83 3.37 19.95
CA SER A 125 -4.61 4.18 19.96
C SER A 125 -4.98 5.66 19.97
N ILE A 126 -5.98 6.00 19.17
CA ILE A 126 -6.47 7.37 19.11
C ILE A 126 -7.07 7.77 20.45
N GLN A 127 -7.81 6.85 21.05
CA GLN A 127 -8.39 7.07 22.36
C GLN A 127 -7.31 7.34 23.39
N LEU A 128 -6.23 6.57 23.32
CA LEU A 128 -5.12 6.75 24.25
C LEU A 128 -4.44 8.10 24.01
N LEU A 129 -4.32 8.46 22.74
CA LEU A 129 -3.69 9.73 22.36
C LEU A 129 -4.45 10.90 22.98
N MET A 130 -5.77 10.80 23.03
CA MET A 130 -6.60 11.83 23.64
C MET A 130 -6.24 12.00 25.11
N SER A 131 -6.00 10.88 25.78
CA SER A 131 -5.61 10.89 27.19
C SER A 131 -4.16 11.35 27.38
N GLU A 132 -3.29 10.96 26.46
CA GLU A 132 -1.86 11.20 26.58
C GLU A 132 -1.26 11.78 25.31
N PRO A 133 -1.32 13.12 25.18
CA PRO A 133 -0.80 13.83 24.00
C PRO A 133 0.68 13.55 23.77
N ASN A 134 1.09 13.58 22.51
CA ASN A 134 2.47 13.32 22.13
C ASN A 134 3.21 14.60 21.76
N PRO A 135 4.10 15.07 22.65
CA PRO A 135 4.84 16.32 22.42
C PRO A 135 5.87 16.22 21.29
N ASP A 136 6.12 15.00 20.80
CA ASP A 136 7.09 14.81 19.73
C ASP A 136 6.44 14.85 18.35
N ASP A 137 5.12 14.87 18.30
CA ASP A 137 4.40 14.88 17.04
C ASP A 137 3.31 15.95 16.97
N PRO A 138 3.66 17.20 17.30
CA PRO A 138 2.61 18.22 17.35
C PRO A 138 2.10 18.60 15.96
N LEU A 139 0.79 18.68 15.81
CA LEU A 139 0.19 19.23 14.61
C LEU A 139 -0.22 20.66 14.89
N MET A 140 -0.55 20.93 16.15
CA MET A 140 -0.89 22.27 16.60
C MET A 140 0.20 22.76 17.55
N ALA A 141 1.16 23.50 17.01
CA ALA A 141 2.32 23.94 17.78
C ALA A 141 1.93 24.83 18.95
N ASP A 142 0.92 25.67 18.75
CA ASP A 142 0.42 26.53 19.83
C ASP A 142 -0.18 25.72 20.97
N ILE A 143 -1.09 24.80 20.65
CA ILE A 143 -1.71 23.96 21.65
C ILE A 143 -0.67 23.09 22.33
N SER A 144 0.31 22.65 21.57
CA SER A 144 1.38 21.81 22.10
C SER A 144 2.20 22.55 23.15
N SER A 145 2.54 23.80 22.86
N SER A 145 2.51 23.82 22.86
CA SER A 145 3.28 24.63 23.81
CA SER A 145 3.27 24.64 23.80
C SER A 145 2.45 24.88 25.07
C SER A 145 2.46 24.91 25.06
N GLU A 146 1.16 25.15 24.89
CA GLU A 146 0.27 25.40 26.00
C GLU A 146 0.18 24.17 26.91
N PHE A 147 0.10 23.00 26.28
CA PHE A 147 0.04 21.74 27.02
C PHE A 147 1.29 21.51 27.86
N LYS A 148 2.43 21.93 27.34
CA LYS A 148 3.70 21.67 28.01
C LYS A 148 3.96 22.67 29.14
N TYR A 149 3.62 23.92 28.91
CA TYR A 149 4.01 24.99 29.83
C TYR A 149 2.86 25.57 30.65
N ASN A 150 1.62 25.23 30.30
CA ASN A 150 0.47 25.78 31.00
C ASN A 150 -0.72 24.83 31.07
N LYS A 151 -0.58 23.78 31.88
CA LYS A 151 -1.60 22.75 32.02
C LYS A 151 -3.00 23.29 32.30
N PRO A 152 -3.14 24.16 33.31
CA PRO A 152 -4.47 24.69 33.63
C PRO A 152 -5.14 25.37 32.44
N ALA A 153 -4.39 26.20 31.73
CA ALA A 153 -4.94 26.88 30.55
C ALA A 153 -5.34 25.86 29.49
N PHE A 154 -4.50 24.85 29.28
CA PHE A 154 -4.81 23.82 28.28
C PHE A 154 -6.07 23.07 28.66
N LEU A 155 -6.14 22.64 29.92
CA LEU A 155 -7.28 21.91 30.42
CA LEU A 155 -7.29 21.91 30.41
C LEU A 155 -8.57 22.72 30.29
N LYS A 156 -8.49 24.00 30.62
CA LYS A 156 -9.63 24.90 30.55
C LYS A 156 -10.11 25.07 29.11
N ASN A 157 -9.16 25.29 28.21
CA ASN A 157 -9.48 25.46 26.79
C ASN A 157 -10.06 24.19 26.19
N ALA A 158 -9.41 23.07 26.49
CA ALA A 158 -9.86 21.78 26.00
C ALA A 158 -11.26 21.46 26.52
N ARG A 159 -11.51 21.80 27.77
CA ARG A 159 -12.80 21.57 28.40
C ARG A 159 -13.89 22.40 27.72
N GLN A 160 -13.61 23.68 27.52
CA GLN A 160 -14.56 24.59 26.88
C GLN A 160 -14.82 24.19 25.43
N TRP A 161 -13.77 23.74 24.75
CA TRP A 161 -13.91 23.28 23.38
C TRP A 161 -14.80 22.05 23.32
N THR A 162 -14.68 21.19 24.33
CA THR A 162 -15.52 20.00 24.44
C THR A 162 -16.97 20.39 24.67
N GLU A 163 -17.17 21.40 25.51
CA GLU A 163 -18.50 21.88 25.85
C GLU A 163 -19.20 22.50 24.65
N LYS A 164 -18.42 23.09 23.76
CA LYS A 164 -18.97 23.83 22.63
C LYS A 164 -19.26 22.95 21.42
N HIS A 165 -18.49 21.87 21.25
CA HIS A 165 -18.58 21.08 20.02
C HIS A 165 -18.88 19.60 20.23
N ALA A 166 -18.62 19.06 21.42
CA ALA A 166 -18.75 17.62 21.62
C ALA A 166 -19.91 17.23 22.55
N ARG A 167 -20.80 18.17 22.85
CA ARG A 167 -21.94 17.86 23.70
C ARG A 167 -23.23 17.65 22.89
N GLN A 168 -24.35 18.03 23.48
CA GLN A 168 -25.65 17.84 22.83
C GLN A 168 -26.58 19.02 23.08
N GLY B 15 23.62 -7.50 -21.37
CA GLY B 15 22.21 -7.82 -21.30
C GLY B 15 21.91 -9.03 -20.44
N MET B 16 22.84 -9.36 -19.54
CA MET B 16 22.65 -10.46 -18.60
C MET B 16 21.57 -10.11 -17.58
N GLN B 17 21.46 -8.82 -17.28
CA GLN B 17 20.52 -8.32 -16.29
C GLN B 17 19.08 -8.38 -16.79
N ARG B 18 18.89 -8.20 -18.08
CA ARG B 18 17.57 -8.30 -18.69
C ARG B 18 17.02 -9.72 -18.53
N ALA B 19 17.88 -10.71 -18.77
CA ALA B 19 17.50 -12.12 -18.69
C ALA B 19 17.18 -12.56 -17.26
N SER B 20 18.03 -12.16 -16.31
CA SER B 20 17.84 -12.54 -14.91
C SER B 20 16.55 -11.93 -14.34
N ARG B 21 16.24 -10.71 -14.77
CA ARG B 21 15.00 -10.05 -14.38
C ARG B 21 13.82 -10.84 -14.91
N LEU B 22 13.84 -11.12 -16.21
CA LEU B 22 12.76 -11.86 -16.85
C LEU B 22 12.64 -13.29 -16.32
N LYS B 23 13.77 -13.90 -16.00
CA LYS B 23 13.77 -15.25 -15.43
C LYS B 23 12.94 -15.31 -14.14
N ARG B 24 13.13 -14.34 -13.25
CA ARG B 24 12.45 -14.36 -11.97
C ARG B 24 11.05 -13.79 -12.05
N GLU B 25 10.89 -12.71 -12.82
CA GLU B 25 9.60 -12.04 -12.92
C GLU B 25 8.55 -12.93 -13.58
N LEU B 26 8.93 -13.59 -14.67
CA LEU B 26 8.01 -14.49 -15.37
C LEU B 26 7.59 -15.65 -14.48
N HIS B 27 8.54 -16.15 -13.69
CA HIS B 27 8.26 -17.28 -12.81
C HIS B 27 7.29 -16.84 -11.72
N MET B 28 7.50 -15.64 -11.18
CA MET B 28 6.65 -15.10 -10.13
C MET B 28 5.29 -14.69 -10.68
N LEU B 29 5.26 -14.18 -11.91
CA LEU B 29 4.00 -13.81 -12.55
C LEU B 29 3.17 -15.06 -12.83
N ALA B 30 3.85 -16.20 -12.90
CA ALA B 30 3.20 -17.47 -13.17
C ALA B 30 2.80 -18.18 -11.88
N THR B 31 3.55 -17.94 -10.81
CA THR B 31 3.28 -18.60 -9.54
CA THR B 31 3.28 -18.60 -9.54
C THR B 31 2.33 -17.80 -8.64
N GLU B 32 2.58 -16.50 -8.53
CA GLU B 32 1.77 -15.65 -7.66
C GLU B 32 1.54 -14.26 -8.23
N PRO B 33 0.77 -14.17 -9.32
CA PRO B 33 0.46 -12.87 -9.95
C PRO B 33 -0.54 -12.03 -9.17
N PRO B 34 -0.54 -10.71 -9.41
CA PRO B 34 -1.52 -9.79 -8.84
C PRO B 34 -2.93 -10.22 -9.19
N PRO B 35 -3.88 -10.13 -8.24
CA PRO B 35 -5.25 -10.54 -8.53
C PRO B 35 -5.83 -9.79 -9.73
N GLY B 36 -6.43 -10.54 -10.65
CA GLY B 36 -7.03 -9.94 -11.83
C GLY B 36 -6.01 -9.69 -12.93
N ILE B 37 -4.76 -10.05 -12.69
CA ILE B 37 -3.69 -9.77 -13.64
C ILE B 37 -2.89 -11.02 -13.98
N THR B 38 -2.65 -11.23 -15.27
CA THR B 38 -1.77 -12.29 -15.72
C THR B 38 -0.79 -11.76 -16.76
N CYS B 39 0.36 -12.41 -16.87
CA CYS B 39 1.41 -11.99 -17.81
C CYS B 39 2.32 -13.16 -18.17
N TRP B 40 2.44 -13.45 -19.46
CA TRP B 40 3.19 -14.60 -19.91
C TRP B 40 4.01 -14.26 -21.14
N GLN B 41 5.03 -15.06 -21.44
CA GLN B 41 5.84 -14.86 -22.61
C GLN B 41 5.04 -15.11 -23.89
N ASP B 48 8.36 -11.11 -27.09
CA ASP B 48 7.43 -10.15 -26.52
C ASP B 48 6.56 -10.80 -25.43
N LEU B 49 6.00 -9.98 -24.56
CA LEU B 49 5.11 -10.47 -23.51
C LEU B 49 3.65 -10.07 -23.73
N ARG B 50 2.75 -10.93 -23.27
CA ARG B 50 1.31 -10.66 -23.27
C ARG B 50 0.80 -10.54 -21.84
N ALA B 51 0.01 -9.50 -21.57
CA ALA B 51 -0.57 -9.31 -20.25
C ALA B 51 -2.08 -9.18 -20.34
N GLN B 52 -2.77 -9.57 -19.28
CA GLN B 52 -4.23 -9.47 -19.24
C GLN B 52 -4.70 -8.91 -17.90
N ILE B 53 -5.53 -7.87 -17.97
CA ILE B 53 -6.13 -7.31 -16.77
C ILE B 53 -7.64 -7.46 -16.82
N LEU B 54 -8.20 -8.17 -15.84
CA LEU B 54 -9.64 -8.31 -15.74
C LEU B 54 -10.25 -7.04 -15.19
N GLY B 55 -11.36 -6.61 -15.79
CA GLY B 55 -12.08 -5.42 -15.35
C GLY B 55 -12.48 -5.50 -13.89
N GLY B 56 -12.11 -4.47 -13.13
CA GLY B 56 -12.37 -4.44 -11.69
C GLY B 56 -13.84 -4.30 -11.31
N ALA B 57 -14.18 -4.85 -10.15
CA ALA B 57 -15.54 -4.73 -9.62
C ALA B 57 -15.81 -3.29 -9.24
N ASN B 58 -17.06 -2.86 -9.42
CA ASN B 58 -17.45 -1.48 -9.16
C ASN B 58 -16.64 -0.50 -9.99
N THR B 59 -16.35 -0.90 -11.21
CA THR B 59 -15.79 -0.01 -12.21
C THR B 59 -16.54 -0.23 -13.51
N PRO B 60 -16.53 0.75 -14.42
CA PRO B 60 -17.28 0.60 -15.66
C PRO B 60 -16.68 -0.47 -16.57
N TYR B 61 -15.50 -0.96 -16.21
CA TYR B 61 -14.80 -1.95 -17.02
C TYR B 61 -15.06 -3.37 -16.51
N GLU B 62 -15.92 -3.48 -15.51
CA GLU B 62 -16.23 -4.76 -14.90
C GLU B 62 -16.74 -5.76 -15.94
N LYS B 63 -16.37 -7.03 -15.76
CA LYS B 63 -16.77 -8.08 -16.70
C LYS B 63 -16.13 -7.88 -18.08
N GLY B 64 -15.07 -7.09 -18.12
CA GLY B 64 -14.33 -6.89 -19.35
C GLY B 64 -12.94 -7.50 -19.25
N VAL B 65 -12.47 -8.10 -20.33
CA VAL B 65 -11.13 -8.67 -20.37
C VAL B 65 -10.24 -7.84 -21.28
N PHE B 66 -9.18 -7.28 -20.73
CA PHE B 66 -8.33 -6.36 -21.48
C PHE B 66 -6.95 -6.94 -21.75
N LYS B 67 -6.67 -7.22 -23.02
CA LYS B 67 -5.37 -7.71 -23.44
C LYS B 67 -4.39 -6.55 -23.54
N LEU B 68 -3.13 -6.78 -23.16
CA LEU B 68 -2.10 -5.75 -23.26
C LEU B 68 -0.84 -6.27 -23.92
N GLU B 69 -0.09 -5.37 -24.53
CA GLU B 69 1.22 -5.70 -25.09
C GLU B 69 2.32 -5.19 -24.16
N VAL B 70 3.24 -6.08 -23.81
CA VAL B 70 4.34 -5.69 -22.92
C VAL B 70 5.69 -5.96 -23.58
N ILE B 71 6.30 -4.91 -24.10
CA ILE B 71 7.62 -5.01 -24.71
C ILE B 71 8.73 -4.68 -23.71
N ILE B 72 9.65 -5.61 -23.51
CA ILE B 72 10.76 -5.39 -22.59
C ILE B 72 11.98 -4.89 -23.35
N PRO B 73 12.33 -3.61 -23.14
CA PRO B 73 13.44 -2.97 -23.87
C PRO B 73 14.77 -3.63 -23.58
N GLU B 74 15.74 -3.44 -24.47
CA GLU B 74 17.05 -4.06 -24.34
C GLU B 74 17.74 -3.67 -23.04
N ARG B 75 17.51 -2.45 -22.57
CA ARG B 75 18.18 -1.95 -21.38
C ARG B 75 17.35 -2.13 -20.10
N TYR B 76 16.33 -2.98 -20.17
CA TYR B 76 15.59 -3.36 -18.98
C TYR B 76 16.54 -4.02 -17.98
N PRO B 77 16.38 -3.72 -16.68
CA PRO B 77 15.34 -2.88 -16.08
C PRO B 77 15.74 -1.42 -15.90
N PHE B 78 16.78 -0.98 -16.59
CA PHE B 78 17.23 0.40 -16.47
C PHE B 78 16.30 1.33 -17.24
N GLU B 79 15.47 0.73 -18.10
CA GLU B 79 14.42 1.47 -18.80
C GLU B 79 13.09 0.79 -18.52
N PRO B 80 12.01 1.59 -18.45
CA PRO B 80 10.69 1.04 -18.14
C PRO B 80 10.17 0.15 -19.26
N PRO B 81 9.29 -0.80 -18.93
CA PRO B 81 8.64 -1.60 -19.96
C PRO B 81 7.80 -0.73 -20.87
N GLN B 82 7.51 -1.21 -22.07
CA GLN B 82 6.63 -0.47 -22.97
C GLN B 82 5.31 -1.21 -23.10
N ILE B 83 4.27 -0.63 -22.53
CA ILE B 83 2.98 -1.29 -22.41
C ILE B 83 1.88 -0.48 -23.09
N ARG B 84 1.15 -1.12 -23.99
CA ARG B 84 -0.02 -0.52 -24.59
C ARG B 84 -1.21 -1.47 -24.50
N PHE B 85 -2.41 -0.92 -24.46
CA PHE B 85 -3.63 -1.72 -24.51
C PHE B 85 -3.88 -2.22 -25.93
N LEU B 86 -4.04 -3.53 -26.06
CA LEU B 86 -4.44 -4.12 -27.33
C LEU B 86 -5.96 -4.07 -27.44
N THR B 87 -6.62 -4.20 -26.29
CA THR B 87 -8.06 -4.08 -26.20
C THR B 87 -8.48 -2.63 -26.09
N PRO B 88 -9.38 -2.18 -26.97
CA PRO B 88 -9.90 -0.81 -26.91
C PRO B 88 -10.51 -0.53 -25.54
N ILE B 89 -10.16 0.61 -24.96
CA ILE B 89 -10.73 0.99 -23.66
C ILE B 89 -11.05 2.48 -23.63
N TYR B 90 -12.18 2.81 -23.00
CA TYR B 90 -12.65 4.18 -22.90
C TYR B 90 -12.15 4.81 -21.61
N HIS B 91 -11.08 5.59 -21.69
CA HIS B 91 -10.41 6.09 -20.49
C HIS B 91 -9.68 7.40 -20.75
N PRO B 92 -9.74 8.34 -19.78
CA PRO B 92 -9.12 9.67 -19.88
C PRO B 92 -7.61 9.63 -20.11
N ASN B 93 -6.93 8.61 -19.61
CA ASN B 93 -5.48 8.55 -19.65
C ASN B 93 -4.95 7.51 -20.65
N ILE B 94 -5.85 6.98 -21.45
CA ILE B 94 -5.49 5.98 -22.46
C ILE B 94 -6.08 6.37 -23.79
N ASP B 95 -5.23 6.55 -24.80
CA ASP B 95 -5.72 7.01 -26.10
C ASP B 95 -6.33 5.85 -26.89
N SER B 96 -6.83 6.18 -28.08
CA SER B 96 -7.48 5.19 -28.93
C SER B 96 -6.51 4.11 -29.38
N ALA B 97 -5.21 4.43 -29.35
CA ALA B 97 -4.18 3.52 -29.83
C ALA B 97 -3.65 2.61 -28.72
N GLY B 98 -4.21 2.74 -27.52
CA GLY B 98 -3.80 1.89 -26.41
C GLY B 98 -2.64 2.46 -25.61
N ARG B 99 -2.15 3.64 -26.02
CA ARG B 99 -1.05 4.28 -25.31
C ARG B 99 -1.51 4.71 -23.92
N ILE B 100 -0.65 4.50 -22.93
CA ILE B 100 -0.99 4.77 -21.54
C ILE B 100 -0.18 5.94 -20.98
N CYS B 101 -0.86 6.90 -20.37
CA CYS B 101 -0.18 8.02 -19.72
C CYS B 101 0.02 7.71 -18.24
N LEU B 102 1.21 7.23 -17.89
CA LEU B 102 1.50 6.79 -16.54
C LEU B 102 2.98 7.05 -16.22
N ASP B 103 3.23 7.69 -15.07
CA ASP B 103 4.58 8.16 -14.75
C ASP B 103 5.61 7.03 -14.63
N VAL B 104 5.19 5.89 -14.09
CA VAL B 104 6.11 4.77 -13.91
C VAL B 104 6.49 4.13 -15.24
N LEU B 105 5.85 4.59 -16.32
CA LEU B 105 6.17 4.09 -17.65
C LEU B 105 7.17 5.00 -18.36
N LYS B 106 7.67 6.00 -17.64
CA LYS B 106 8.64 6.94 -18.19
C LYS B 106 9.82 7.16 -17.25
N LEU B 107 11.00 7.37 -17.81
CA LEU B 107 12.19 7.64 -17.02
C LEU B 107 12.16 9.02 -16.36
N PRO B 108 12.92 9.18 -15.28
CA PRO B 108 13.14 10.47 -14.60
C PRO B 108 13.85 11.48 -15.51
N PRO B 109 13.77 12.78 -15.18
CA PRO B 109 13.06 13.31 -14.01
C PRO B 109 11.57 13.46 -14.27
N LYS B 110 11.18 13.47 -15.54
CA LYS B 110 9.78 13.64 -15.91
C LYS B 110 8.95 12.44 -15.43
N GLY B 111 9.51 11.25 -15.56
CA GLY B 111 8.84 10.03 -15.17
C GLY B 111 9.22 9.55 -13.77
N ALA B 112 8.76 8.35 -13.42
CA ALA B 112 8.96 7.82 -12.09
C ALA B 112 9.47 6.39 -12.10
N TRP B 113 10.01 5.94 -13.23
CA TRP B 113 10.52 4.59 -13.32
C TRP B 113 11.83 4.39 -12.56
N ARG B 114 11.95 3.25 -11.89
CA ARG B 114 13.21 2.84 -11.29
C ARG B 114 13.26 1.32 -11.19
N PRO B 115 14.47 0.76 -11.02
CA PRO B 115 14.66 -0.70 -11.00
C PRO B 115 13.92 -1.39 -9.84
N SER B 116 13.48 -0.62 -8.85
CA SER B 116 12.73 -1.19 -7.73
C SER B 116 11.32 -1.57 -8.17
N LEU B 117 10.88 -1.00 -9.29
CA LEU B 117 9.60 -1.38 -9.89
C LEU B 117 9.82 -2.56 -10.82
N ASN B 118 8.73 -3.20 -11.22
CA ASN B 118 8.80 -4.30 -12.16
C ASN B 118 7.50 -4.48 -12.93
N ILE B 119 7.44 -5.51 -13.76
CA ILE B 119 6.28 -5.79 -14.60
C ILE B 119 5.00 -5.91 -13.77
N ALA B 120 5.09 -6.60 -12.63
CA ALA B 120 3.93 -6.81 -11.79
C ALA B 120 3.40 -5.49 -11.22
N THR B 121 4.31 -4.63 -10.76
CA THR B 121 3.91 -3.37 -10.14
C THR B 121 3.36 -2.38 -11.17
N VAL B 122 3.98 -2.32 -12.34
CA VAL B 122 3.53 -1.41 -13.37
CA VAL B 122 3.53 -1.43 -13.40
C VAL B 122 2.14 -1.81 -13.86
N LEU B 123 1.91 -3.11 -14.01
CA LEU B 123 0.60 -3.62 -14.40
C LEU B 123 -0.43 -3.31 -13.31
N THR B 124 -0.02 -3.47 -12.06
CA THR B 124 -0.89 -3.14 -10.93
C THR B 124 -1.23 -1.65 -10.98
N SER B 125 -0.25 -0.84 -11.36
CA SER B 125 -0.45 0.60 -11.48
C SER B 125 -1.46 0.91 -12.58
N ILE B 126 -1.38 0.17 -13.68
CA ILE B 126 -2.33 0.32 -14.77
C ILE B 126 -3.72 -0.11 -14.32
N GLN B 127 -3.77 -1.22 -13.57
CA GLN B 127 -5.02 -1.70 -13.01
C GLN B 127 -5.62 -0.65 -12.08
N LEU B 128 -4.77 -0.01 -11.27
CA LEU B 128 -5.24 1.02 -10.37
C LEU B 128 -5.70 2.24 -11.16
N LEU B 129 -4.98 2.57 -12.22
CA LEU B 129 -5.34 3.70 -13.08
C LEU B 129 -6.73 3.51 -13.67
N MET B 130 -7.05 2.26 -14.04
CA MET B 130 -8.37 1.94 -14.57
C MET B 130 -9.45 2.19 -13.53
N SER B 131 -9.16 1.87 -12.27
CA SER B 131 -10.13 2.09 -11.19
C SER B 131 -10.24 3.57 -10.84
N GLU B 132 -9.12 4.28 -10.92
CA GLU B 132 -9.09 5.68 -10.52
C GLU B 132 -8.36 6.53 -11.55
N PRO B 133 -9.09 6.95 -12.59
CA PRO B 133 -8.53 7.77 -13.68
C PRO B 133 -7.95 9.08 -13.18
N ASN B 134 -6.92 9.58 -13.87
CA ASN B 134 -6.31 10.84 -13.49
C ASN B 134 -6.73 11.95 -14.46
N PRO B 135 -7.68 12.79 -14.04
CA PRO B 135 -8.19 13.90 -14.86
C PRO B 135 -7.17 15.03 -15.01
N ASP B 136 -6.09 14.96 -14.24
CA ASP B 136 -5.05 16.00 -14.29
C ASP B 136 -3.95 15.65 -15.28
N ASP B 137 -3.99 14.43 -15.81
CA ASP B 137 -2.99 13.96 -16.76
C ASP B 137 -3.65 13.30 -17.97
N PRO B 138 -4.57 14.04 -18.63
CA PRO B 138 -5.40 13.54 -19.73
C PRO B 138 -4.67 13.31 -21.06
N LEU B 139 -4.93 12.17 -21.69
CA LEU B 139 -4.50 11.92 -23.06
C LEU B 139 -5.69 12.15 -23.97
N MET B 140 -6.88 11.91 -23.43
CA MET B 140 -8.13 12.13 -24.13
C MET B 140 -8.86 13.30 -23.48
N ALA B 141 -8.70 14.48 -24.07
CA ALA B 141 -9.26 15.71 -23.51
C ALA B 141 -10.78 15.67 -23.43
N ASP B 142 -11.41 15.08 -24.44
CA ASP B 142 -12.86 14.97 -24.47
CA ASP B 142 -12.86 14.97 -24.47
C ASP B 142 -13.35 14.02 -23.38
N ILE B 143 -12.77 12.83 -23.33
CA ILE B 143 -13.13 11.85 -22.32
C ILE B 143 -12.81 12.38 -20.93
N SER B 144 -11.71 13.12 -20.84
CA SER B 144 -11.27 13.68 -19.57
C SER B 144 -12.28 14.71 -19.04
N SER B 145 -12.76 15.57 -19.91
CA SER B 145 -13.76 16.57 -19.52
C SER B 145 -15.06 15.90 -19.07
N GLU B 146 -15.47 14.87 -19.81
CA GLU B 146 -16.69 14.15 -19.49
C GLU B 146 -16.59 13.51 -18.11
N PHE B 147 -15.43 12.96 -17.81
CA PHE B 147 -15.18 12.33 -16.52
C PHE B 147 -15.35 13.30 -15.37
N LYS B 148 -14.99 14.56 -15.61
CA LYS B 148 -15.04 15.57 -14.56
C LYS B 148 -16.43 16.20 -14.40
N TYR B 149 -17.10 16.47 -15.51
CA TYR B 149 -18.32 17.26 -15.47
C TYR B 149 -19.59 16.45 -15.71
N ASN B 150 -19.44 15.21 -16.16
CA ASN B 150 -20.58 14.33 -16.36
C ASN B 150 -20.19 12.88 -16.10
N LYS B 151 -19.90 12.58 -14.83
CA LYS B 151 -19.44 11.26 -14.41
C LYS B 151 -20.33 10.13 -14.92
N PRO B 152 -21.65 10.24 -14.67
CA PRO B 152 -22.57 9.20 -15.14
C PRO B 152 -22.48 8.96 -16.65
N ALA B 153 -22.41 10.03 -17.42
CA ALA B 153 -22.27 9.91 -18.88
C ALA B 153 -20.98 9.18 -19.22
N PHE B 154 -19.91 9.49 -18.49
CA PHE B 154 -18.65 8.80 -18.68
C PHE B 154 -18.77 7.32 -18.36
N LEU B 155 -19.38 7.03 -17.22
CA LEU B 155 -19.57 5.66 -16.78
C LEU B 155 -20.39 4.86 -17.80
N LYS B 156 -21.43 5.50 -18.32
CA LYS B 156 -22.32 4.88 -19.29
C LYS B 156 -21.56 4.53 -20.56
N ASN B 157 -20.78 5.47 -21.05
CA ASN B 157 -19.97 5.26 -22.25
C ASN B 157 -18.90 4.18 -22.04
N ALA B 158 -18.23 4.22 -20.90
CA ALA B 158 -17.20 3.24 -20.59
C ALA B 158 -17.79 1.83 -20.54
N ARG B 159 -18.99 1.70 -19.96
CA ARG B 159 -19.68 0.41 -19.88
CA ARG B 159 -19.66 0.40 -19.88
C ARG B 159 -19.93 -0.15 -21.27
N GLN B 160 -20.51 0.67 -22.15
CA GLN B 160 -20.83 0.25 -23.49
C GLN B 160 -19.58 -0.09 -24.29
N TRP B 161 -18.53 0.69 -24.06
CA TRP B 161 -17.26 0.46 -24.73
C TRP B 161 -16.70 -0.90 -24.30
N THR B 162 -16.85 -1.21 -23.01
CA THR B 162 -16.40 -2.48 -22.46
C THR B 162 -17.19 -3.66 -23.02
N GLU B 163 -18.50 -3.48 -23.15
CA GLU B 163 -19.35 -4.55 -23.67
C GLU B 163 -19.06 -4.82 -25.13
N LYS B 164 -18.65 -3.78 -25.85
CA LYS B 164 -18.49 -3.86 -27.30
C LYS B 164 -17.14 -4.42 -27.73
N HIS B 165 -16.11 -4.19 -26.91
CA HIS B 165 -14.76 -4.51 -27.34
C HIS B 165 -14.00 -5.43 -26.37
N ALA B 166 -14.48 -5.52 -25.14
CA ALA B 166 -13.74 -6.23 -24.10
C ALA B 166 -14.41 -7.55 -23.70
N ARG B 167 -15.37 -7.99 -24.50
CA ARG B 167 -16.04 -9.25 -24.23
C ARG B 167 -16.93 -9.65 -25.42
N GLU C 12 -14.39 -15.99 28.27
CA GLU C 12 -14.89 -17.36 28.37
C GLU C 12 -15.29 -17.91 27.01
N LYS C 13 -15.23 -17.06 25.98
CA LYS C 13 -15.57 -17.49 24.63
C LYS C 13 -14.43 -18.30 24.03
N SER C 14 -14.59 -18.71 22.78
CA SER C 14 -13.59 -19.48 22.07
C SER C 14 -12.38 -18.62 21.70
N ASP C 15 -11.20 -19.24 21.72
CA ASP C 15 -9.99 -18.56 21.28
C ASP C 15 -9.32 -19.36 20.16
N PHE C 16 -9.96 -20.47 19.77
CA PHE C 16 -9.47 -21.28 18.67
C PHE C 16 -9.59 -20.52 17.35
N THR C 17 -8.48 -20.42 16.63
CA THR C 17 -8.48 -19.77 15.34
CA THR C 17 -8.49 -19.77 15.32
C THR C 17 -7.25 -20.12 14.51
N MET C 18 -7.47 -20.76 13.36
CA MET C 18 -6.41 -21.01 12.40
C MET C 18 -6.50 -20.06 11.19
N ASP C 19 -7.25 -18.97 11.32
CA ASP C 19 -7.38 -18.01 10.23
C ASP C 19 -6.07 -17.30 9.92
N CYS C 20 -5.94 -16.85 8.68
CA CYS C 20 -4.80 -16.05 8.25
C CYS C 20 -4.73 -14.76 9.06
N GLY C 21 -3.54 -14.44 9.56
CA GLY C 21 -3.34 -13.27 10.39
C GLY C 21 -3.48 -11.94 9.67
N ILE C 22 -3.58 -11.98 8.35
CA ILE C 22 -3.65 -10.76 7.57
C ILE C 22 -5.07 -10.52 7.04
N CYS C 23 -5.71 -11.55 6.49
CA CYS C 23 -7.04 -11.37 5.92
C CYS C 23 -8.16 -11.90 6.81
N TYR C 24 -7.80 -12.54 7.92
CA TYR C 24 -8.76 -13.06 8.91
C TYR C 24 -9.67 -14.18 8.41
N ALA C 25 -9.36 -14.73 7.24
CA ALA C 25 -10.15 -15.83 6.68
C ALA C 25 -9.33 -17.11 6.68
N TYR C 26 -9.99 -18.26 6.53
CA TYR C 26 -9.26 -19.52 6.52
C TYR C 26 -8.88 -19.90 5.09
N GLN C 27 -9.84 -19.84 4.18
CA GLN C 27 -9.60 -20.16 2.79
C GLN C 27 -9.61 -18.92 1.90
N LEU C 28 -8.58 -18.82 1.07
CA LEU C 28 -8.49 -17.75 0.09
C LEU C 28 -8.05 -18.35 -1.24
N ASP C 29 -8.98 -18.33 -2.21
CA ASP C 29 -8.75 -18.94 -3.52
C ASP C 29 -8.38 -20.40 -3.39
N GLY C 30 -9.04 -21.09 -2.47
CA GLY C 30 -8.82 -22.52 -2.31
C GLY C 30 -7.53 -22.86 -1.59
N THR C 31 -6.87 -21.85 -1.03
CA THR C 31 -5.65 -22.09 -0.24
C THR C 31 -5.94 -21.88 1.23
N ILE C 32 -5.08 -22.46 2.07
CA ILE C 32 -5.18 -22.34 3.52
C ILE C 32 -3.94 -21.68 4.11
N PRO C 33 -4.03 -21.19 5.34
CA PRO C 33 -2.90 -20.53 6.00
C PRO C 33 -1.80 -21.52 6.40
N ASP C 34 -1.05 -22.02 5.42
CA ASP C 34 0.00 -23.00 5.69
C ASP C 34 1.37 -22.37 5.85
N GLN C 35 1.43 -21.04 5.86
CA GLN C 35 2.68 -20.34 6.12
C GLN C 35 2.73 -19.91 7.57
N VAL C 36 3.35 -20.73 8.42
CA VAL C 36 3.33 -20.50 9.86
C VAL C 36 4.62 -19.89 10.35
N CYS C 37 4.50 -18.79 11.11
CA CYS C 37 5.66 -18.12 11.69
C CYS C 37 6.53 -19.09 12.50
N ASP C 38 7.83 -19.05 12.25
CA ASP C 38 8.76 -20.01 12.85
CA ASP C 38 8.74 -20.02 12.86
C ASP C 38 8.94 -19.77 14.35
N ASN C 39 8.77 -18.51 14.76
CA ASN C 39 8.87 -18.14 16.16
C ASN C 39 7.86 -18.90 17.01
N SER C 40 8.35 -19.68 17.97
CA SER C 40 7.49 -20.50 18.81
C SER C 40 6.63 -19.66 19.75
N GLN C 41 7.03 -18.41 19.98
CA GLN C 41 6.28 -17.51 20.84
C GLN C 41 5.18 -16.82 20.03
N CYS C 42 5.14 -17.13 18.74
CA CYS C 42 4.16 -16.53 17.84
C CYS C 42 3.37 -17.62 17.13
N GLY C 43 3.91 -18.13 16.03
CA GLY C 43 3.29 -19.23 15.31
C GLY C 43 2.05 -18.80 14.55
N GLN C 44 1.98 -17.52 14.20
CA GLN C 44 0.85 -17.02 13.43
C GLN C 44 0.85 -17.63 12.04
N PRO C 45 -0.29 -18.19 11.63
CA PRO C 45 -0.46 -18.72 10.28
C PRO C 45 -0.87 -17.63 9.27
N PHE C 46 -0.39 -17.76 8.04
CA PHE C 46 -0.74 -16.86 6.96
C PHE C 46 -1.03 -17.62 5.68
N HIS C 47 -1.82 -17.02 4.78
CA HIS C 47 -1.87 -17.48 3.42
C HIS C 47 -0.55 -17.09 2.74
N GLN C 48 -0.14 -17.89 1.76
CA GLN C 48 1.02 -17.53 0.96
C GLN C 48 0.74 -16.19 0.30
N ILE C 49 -0.45 -16.07 -0.29
CA ILE C 49 -0.85 -14.87 -1.01
C ILE C 49 -0.72 -13.61 -0.16
N CYS C 50 -1.29 -13.65 1.03
CA CYS C 50 -1.36 -12.48 1.90
C CYS C 50 0.03 -12.07 2.39
N LEU C 51 0.81 -13.03 2.85
CA LEU C 51 2.12 -12.75 3.40
C LEU C 51 3.05 -12.16 2.34
N TYR C 52 2.97 -12.69 1.12
CA TYR C 52 3.78 -12.18 0.03
C TYR C 52 3.36 -10.75 -0.30
N GLU C 53 2.05 -10.51 -0.31
CA GLU C 53 1.51 -9.20 -0.63
C GLU C 53 1.98 -8.14 0.36
N TRP C 54 2.15 -8.53 1.61
CA TRP C 54 2.61 -7.60 2.63
C TRP C 54 4.13 -7.40 2.55
N LEU C 55 4.86 -8.51 2.44
CA LEU C 55 6.31 -8.46 2.50
C LEU C 55 6.97 -7.86 1.27
N ARG C 56 6.40 -8.12 0.10
CA ARG C 56 7.08 -7.80 -1.16
C ARG C 56 7.36 -6.31 -1.35
N GLY C 57 6.50 -5.47 -0.78
CA GLY C 57 6.64 -4.04 -0.94
C GLY C 57 7.48 -3.34 0.13
N LEU C 58 7.88 -4.10 1.14
CA LEU C 58 8.68 -3.54 2.24
C LEU C 58 10.15 -3.43 1.86
N LEU C 59 10.75 -2.28 2.15
CA LEU C 59 12.13 -2.00 1.78
C LEU C 59 13.12 -2.95 2.46
N THR C 60 12.71 -3.52 3.58
CA THR C 60 13.59 -4.39 4.36
C THR C 60 13.52 -5.85 3.91
N SER C 61 12.67 -6.14 2.94
CA SER C 61 12.52 -7.51 2.46
C SER C 61 13.64 -7.88 1.50
N ARG C 62 13.95 -9.17 1.44
CA ARG C 62 14.96 -9.68 0.52
C ARG C 62 14.38 -10.88 -0.21
N GLN C 63 14.89 -11.15 -1.40
CA GLN C 63 14.37 -12.25 -2.21
C GLN C 63 15.49 -13.09 -2.81
N SER C 64 15.35 -14.40 -2.72
CA SER C 64 16.28 -15.32 -3.35
C SER C 64 15.51 -16.18 -4.35
N PHE C 65 15.48 -15.71 -5.60
CA PHE C 65 14.63 -16.30 -6.63
C PHE C 65 13.17 -16.31 -6.17
N ASN C 66 12.65 -17.48 -5.79
CA ASN C 66 11.24 -17.60 -5.41
C ASN C 66 11.02 -17.64 -3.89
N ILE C 67 12.05 -17.29 -3.13
CA ILE C 67 11.89 -17.19 -1.68
C ILE C 67 12.02 -15.74 -1.24
N ILE C 68 11.08 -15.30 -0.42
CA ILE C 68 11.08 -13.93 0.08
CA ILE C 68 11.09 -13.93 0.07
C ILE C 68 11.32 -13.92 1.59
N PHE C 69 12.19 -13.02 2.04
CA PHE C 69 12.53 -12.93 3.45
C PHE C 69 12.10 -11.58 4.01
N GLY C 70 11.53 -11.61 5.21
CA GLY C 70 11.11 -10.38 5.88
C GLY C 70 10.83 -10.63 7.35
N GLU C 71 10.01 -9.77 7.94
CA GLU C 71 9.64 -9.93 9.34
C GLU C 71 8.17 -10.28 9.47
N CYS C 72 7.88 -11.12 10.45
CA CYS C 72 6.50 -11.43 10.81
C CYS C 72 5.80 -10.14 11.25
N PRO C 73 4.66 -9.83 10.62
CA PRO C 73 3.89 -8.63 10.97
C PRO C 73 3.32 -8.66 12.39
N TYR C 74 3.49 -9.79 13.09
CA TYR C 74 2.99 -9.91 14.45
C TYR C 74 4.10 -9.85 15.48
N CYS C 75 5.11 -10.71 15.33
CA CYS C 75 6.16 -10.81 16.34
C CYS C 75 7.43 -10.07 15.93
N SER C 76 7.47 -9.59 14.68
CA SER C 76 8.61 -8.82 14.18
C SER C 76 9.87 -9.65 14.00
N LYS C 77 9.77 -10.96 14.17
CA LYS C 77 10.91 -11.85 13.96
C LYS C 77 11.06 -12.18 12.48
N PRO C 78 12.25 -12.67 12.09
CA PRO C 78 12.53 -13.04 10.70
C PRO C 78 11.61 -14.14 10.22
N ILE C 79 11.11 -14.01 8.99
CA ILE C 79 10.22 -15.03 8.44
C ILE C 79 10.61 -15.34 7.00
N THR C 80 10.53 -16.62 6.64
CA THR C 80 10.93 -17.05 5.29
C THR C 80 9.75 -17.63 4.52
N LEU C 81 9.52 -17.07 3.33
CA LEU C 81 8.39 -17.49 2.51
C LEU C 81 8.83 -18.02 1.15
N LYS C 82 8.61 -19.30 0.91
CA LYS C 82 8.89 -19.89 -0.40
C LYS C 82 7.61 -19.91 -1.22
N MET C 83 7.60 -19.23 -2.35
CA MET C 83 6.41 -19.17 -3.17
C MET C 83 6.26 -20.45 -3.97
N SER C 84 5.02 -20.84 -4.22
CA SER C 84 4.73 -22.08 -4.95
C SER C 84 3.45 -21.93 -5.76
N GLY C 85 3.38 -22.66 -6.87
CA GLY C 85 2.18 -22.66 -7.70
C GLY C 85 1.07 -23.43 -7.04
N ARG C 86 -0.16 -22.98 -7.26
CA ARG C 86 -1.34 -23.63 -6.67
CA ARG C 86 -1.33 -23.64 -6.67
C ARG C 86 -1.66 -24.94 -7.38
N PHE D 16 21.31 -19.79 1.94
CA PHE D 16 20.49 -18.61 1.67
C PHE D 16 21.33 -17.34 1.57
N THR D 17 21.18 -16.63 0.46
CA THR D 17 21.86 -15.36 0.24
C THR D 17 21.12 -14.59 -0.86
N MET D 18 21.19 -13.26 -0.79
CA MET D 18 20.14 -12.45 -1.39
C MET D 18 20.43 -11.89 -2.77
N ASP D 19 19.41 -11.90 -3.62
CA ASP D 19 19.52 -11.41 -4.98
C ASP D 19 19.74 -9.90 -5.02
N CYS D 20 20.37 -9.45 -6.10
CA CYS D 20 20.56 -8.03 -6.36
C CYS D 20 19.19 -7.34 -6.51
N GLY D 21 19.05 -6.19 -5.87
CA GLY D 21 17.78 -5.47 -5.94
C GLY D 21 17.49 -4.89 -7.32
N ILE D 22 18.47 -4.95 -8.23
CA ILE D 22 18.28 -4.38 -9.54
C ILE D 22 18.08 -5.42 -10.64
N CYS D 23 18.93 -6.45 -10.67
CA CYS D 23 18.85 -7.45 -11.73
C CYS D 23 18.19 -8.74 -11.27
N TYR D 24 17.84 -8.83 -9.99
CA TYR D 24 17.13 -9.97 -9.44
C TYR D 24 17.93 -11.27 -9.46
N ALA D 25 19.22 -11.17 -9.75
CA ALA D 25 20.08 -12.36 -9.74
C ALA D 25 21.13 -12.28 -8.64
N TYR D 26 21.71 -13.43 -8.31
CA TYR D 26 22.75 -13.51 -7.29
C TYR D 26 24.15 -13.35 -7.88
N GLN D 27 24.43 -14.08 -8.95
CA GLN D 27 25.73 -13.99 -9.61
C GLN D 27 25.62 -13.26 -10.94
N LEU D 28 26.47 -12.26 -11.12
CA LEU D 28 26.54 -11.52 -12.37
C LEU D 28 27.98 -11.26 -12.76
N ASP D 29 28.43 -11.92 -13.82
CA ASP D 29 29.82 -11.82 -14.27
C ASP D 29 30.79 -12.17 -13.15
N GLY D 30 30.43 -13.18 -12.37
CA GLY D 30 31.29 -13.67 -11.30
C GLY D 30 31.29 -12.79 -10.06
N THR D 31 30.41 -11.79 -10.03
CA THR D 31 30.30 -10.93 -8.86
C THR D 31 28.98 -11.18 -8.11
N ILE D 32 28.95 -10.78 -6.84
CA ILE D 32 27.75 -10.93 -6.03
C ILE D 32 27.28 -9.56 -5.55
N PRO D 33 26.02 -9.47 -5.11
CA PRO D 33 25.43 -8.20 -4.66
C PRO D 33 26.01 -7.72 -3.33
N ASP D 34 27.25 -7.23 -3.35
CA ASP D 34 27.90 -6.78 -2.12
C ASP D 34 27.79 -5.28 -1.87
N GLN D 35 27.01 -4.60 -2.71
CA GLN D 35 26.78 -3.16 -2.55
C GLN D 35 25.49 -2.89 -1.79
N VAL D 36 25.62 -2.67 -0.50
CA VAL D 36 24.46 -2.55 0.39
C VAL D 36 24.10 -1.11 0.74
N CYS D 37 22.81 -0.80 0.61
CA CYS D 37 22.25 0.50 0.96
C CYS D 37 22.59 0.91 2.40
N ASP D 38 23.03 2.16 2.56
CA ASP D 38 23.39 2.68 3.89
C ASP D 38 22.19 2.70 4.84
N ASN D 39 21.04 3.08 4.31
CA ASN D 39 19.82 3.26 5.08
C ASN D 39 19.39 1.99 5.81
N SER D 40 19.29 2.08 7.14
CA SER D 40 18.92 0.94 7.97
C SER D 40 17.47 0.53 7.75
N GLN D 41 16.66 1.43 7.21
CA GLN D 41 15.27 1.13 6.90
C GLN D 41 15.14 0.51 5.52
N CYS D 42 16.27 0.30 4.85
CA CYS D 42 16.29 -0.31 3.53
C CYS D 42 17.26 -1.49 3.49
N GLY D 43 18.53 -1.19 3.18
CA GLY D 43 19.58 -2.19 3.15
C GLY D 43 19.53 -3.12 1.95
N GLN D 44 18.96 -2.66 0.84
CA GLN D 44 18.94 -3.47 -0.38
C GLN D 44 20.34 -3.69 -0.93
N PRO D 45 20.68 -4.94 -1.24
CA PRO D 45 21.99 -5.29 -1.84
C PRO D 45 22.01 -5.11 -3.35
N PHE D 46 23.14 -4.68 -3.89
CA PHE D 46 23.29 -4.52 -5.34
C PHE D 46 24.64 -5.03 -5.83
N HIS D 47 24.70 -5.42 -7.11
CA HIS D 47 25.97 -5.61 -7.79
C HIS D 47 26.60 -4.24 -8.04
N GLN D 48 27.92 -4.18 -8.12
CA GLN D 48 28.58 -2.93 -8.49
C GLN D 48 28.10 -2.51 -9.87
N ILE D 49 28.13 -3.45 -10.81
CA ILE D 49 27.74 -3.21 -12.19
C ILE D 49 26.34 -2.62 -12.31
N CYS D 50 25.37 -3.24 -11.63
CA CYS D 50 23.98 -2.83 -11.75
C CYS D 50 23.75 -1.43 -11.18
N LEU D 51 24.27 -1.19 -9.98
CA LEU D 51 24.07 0.09 -9.31
C LEU D 51 24.73 1.22 -10.12
N TYR D 52 25.91 0.93 -10.66
CA TYR D 52 26.61 1.91 -11.49
C TYR D 52 25.83 2.21 -12.76
N GLU D 53 25.30 1.17 -13.39
CA GLU D 53 24.56 1.33 -14.64
C GLU D 53 23.32 2.20 -14.43
N TRP D 54 22.73 2.11 -13.24
CA TRP D 54 21.54 2.90 -12.92
C TRP D 54 21.89 4.33 -12.53
N LEU D 55 22.92 4.49 -11.70
CA LEU D 55 23.25 5.80 -11.16
C LEU D 55 23.85 6.72 -12.22
N ARG D 56 24.60 6.17 -13.16
CA ARG D 56 25.36 6.98 -14.11
C ARG D 56 24.44 7.84 -14.97
N GLY D 57 23.22 7.37 -15.19
CA GLY D 57 22.27 8.10 -16.02
C GLY D 57 21.44 9.09 -15.25
N LEU D 58 21.55 9.05 -13.92
CA LEU D 58 20.80 9.96 -13.06
C LEU D 58 21.47 11.32 -12.91
N LEU D 59 20.68 12.39 -13.07
CA LEU D 59 21.19 13.75 -12.95
C LEU D 59 21.65 14.07 -11.54
N THR D 60 21.14 13.32 -10.56
CA THR D 60 21.44 13.58 -9.16
C THR D 60 22.72 12.90 -8.70
N SER D 61 23.34 12.14 -9.60
CA SER D 61 24.57 11.42 -9.26
C SER D 61 25.82 12.30 -9.36
N ARG D 62 26.82 11.99 -8.54
CA ARG D 62 28.12 12.65 -8.59
C ARG D 62 29.24 11.62 -8.56
N GLN D 63 30.40 11.96 -9.12
CA GLN D 63 31.52 11.02 -9.19
C GLN D 63 32.84 11.66 -8.77
N SER D 64 33.59 10.95 -7.94
CA SER D 64 34.92 11.39 -7.52
C SER D 64 35.99 10.38 -7.93
N ILE D 67 34.73 6.13 -7.12
CA ILE D 67 33.68 6.44 -6.16
C ILE D 67 32.55 7.24 -6.80
N ILE D 68 31.31 6.82 -6.56
CA ILE D 68 30.14 7.49 -7.13
C ILE D 68 29.01 7.62 -6.11
N PHE D 69 28.32 8.77 -6.14
CA PHE D 69 27.21 9.03 -5.23
C PHE D 69 25.91 9.23 -6.00
N GLY D 70 24.82 8.68 -5.45
CA GLY D 70 23.52 8.81 -6.06
C GLY D 70 22.44 8.45 -5.06
N GLU D 71 21.28 8.03 -5.56
CA GLU D 71 20.18 7.64 -4.68
C GLU D 71 19.91 6.16 -4.77
N CYS D 72 19.55 5.56 -3.63
CA CYS D 72 19.09 4.18 -3.62
C CYS D 72 17.85 4.08 -4.50
N PRO D 73 17.85 3.13 -5.43
CA PRO D 73 16.69 2.93 -6.30
C PRO D 73 15.45 2.46 -5.53
N TYR D 74 15.62 2.17 -4.25
CA TYR D 74 14.50 1.70 -3.43
C TYR D 74 13.99 2.75 -2.45
N CYS D 75 14.89 3.28 -1.62
CA CYS D 75 14.51 4.20 -0.55
C CYS D 75 14.79 5.67 -0.90
N SER D 76 15.50 5.89 -2.00
CA SER D 76 15.81 7.23 -2.48
C SER D 76 16.80 7.97 -1.56
N LYS D 77 17.33 7.27 -0.57
CA LYS D 77 18.33 7.85 0.32
C LYS D 77 19.70 7.78 -0.32
N PRO D 78 20.65 8.59 0.17
CA PRO D 78 22.00 8.66 -0.40
C PRO D 78 22.71 7.31 -0.33
N ILE D 79 23.40 6.96 -1.42
CA ILE D 79 24.12 5.70 -1.52
C ILE D 79 25.49 5.91 -2.16
N THR D 80 26.50 5.20 -1.66
CA THR D 80 27.87 5.35 -2.16
C THR D 80 28.38 4.08 -2.83
N LEU D 81 28.86 4.22 -4.06
CA LEU D 81 29.34 3.07 -4.82
C LEU D 81 30.81 3.22 -5.21
N LYS D 82 31.67 2.38 -4.64
CA LYS D 82 33.08 2.37 -4.99
C LYS D 82 33.42 1.27 -6.00
N MET D 83 33.89 1.68 -7.17
CA MET D 83 34.25 0.74 -8.23
C MET D 83 35.65 0.16 -8.04
N SER D 84 35.86 -1.05 -8.53
CA SER D 84 37.16 -1.72 -8.40
C SER D 84 37.47 -2.63 -9.60
N1 EPE E . -15.69 -17.71 5.29
C2 EPE E . -14.40 -18.31 5.01
C3 EPE E . -13.62 -18.25 6.32
N4 EPE E . -14.59 -18.59 7.35
C5 EPE E . -15.77 -19.35 6.99
C6 EPE E . -16.62 -18.37 6.20
C7 EPE E . -14.38 -18.14 8.72
C8 EPE E . -13.09 -17.33 8.71
O8 EPE E . -13.09 -16.40 9.79
C9 EPE E . -16.07 -16.46 4.66
C10 EPE E . -14.81 -16.03 3.89
S EPE E . -15.06 -14.55 3.17
O1S EPE E . -13.88 -14.21 2.34
O2S EPE E . -16.26 -14.62 2.31
O3S EPE E . -15.26 -13.51 4.20
N1 EPE F . -24.96 11.05 13.95
C9 EPE F . -25.33 12.00 12.92
C10 EPE F . -24.08 12.21 12.07
S EPE F . -24.30 13.42 10.97
O1S EPE F . -23.07 13.62 10.18
O2S EPE F . -25.42 13.07 10.06
O3S EPE F . -24.64 14.68 11.69
H1 EPE F . -26.14 11.60 12.30
H11 EPE F . -25.66 12.95 13.36
H EPE F . -23.83 11.28 11.56
H8 EPE F . -23.24 12.46 12.73
C1 GOL G . -19.03 1.92 23.51
O1 GOL G . -18.12 1.05 24.14
C2 GOL G . -19.06 3.28 24.21
O2 GOL G . -19.87 3.21 25.37
C3 GOL G . -19.62 4.32 23.25
O3 GOL G . -18.57 4.96 22.56
H11 GOL G . -20.18 5.07 23.82
H12 GOL G . -20.30 3.85 22.54
HO1 GOL G . -18.94 5.59 21.90
H2 GOL G . -18.05 3.56 24.49
HO2 GOL G . -20.78 2.95 25.12
H31 GOL G . -20.03 1.48 23.51
H32 GOL G . -18.74 2.06 22.47
HO3 GOL G . -18.23 0.14 23.76
C1 GOL H . -10.47 18.75 33.74
O1 GOL H . -9.51 17.76 33.42
C2 GOL H . -9.81 20.13 33.71
O2 GOL H . -9.33 20.46 35.00
C3 GOL H . -10.79 21.19 33.22
O3 GOL H . -10.48 22.44 33.80
H11 GOL H . -11.81 20.90 33.50
H12 GOL H . -10.74 21.26 32.14
HO1 GOL H . -11.08 23.13 33.43
H2 GOL H . -8.97 20.10 33.01
HO2 GOL H . -10.08 20.47 35.63
H31 GOL H . -10.89 18.56 34.72
H32 GOL H . -11.28 18.72 33.01
HO3 GOL H . -9.94 16.88 33.44
S SO4 I . -14.70 -15.02 3.79
O1 SO4 I . -14.44 -15.85 2.62
O2 SO4 I . -15.15 -13.69 3.35
O3 SO4 I . -13.48 -14.89 4.57
O4 SO4 I . -15.74 -15.64 4.61
CL CL J . 10.21 -10.80 -8.94
C1 GOL K . 3.97 2.66 -22.62
O1 GOL K . 5.26 3.04 -22.23
C2 GOL K . 3.26 3.79 -23.35
O2 GOL K . 1.92 3.43 -23.60
C3 GOL K . 3.96 4.09 -24.67
O3 GOL K . 4.60 5.35 -24.62
H11 GOL K . 3.24 4.08 -25.49
H12 GOL K . 4.71 3.32 -24.89
HO1 GOL K . 5.10 5.50 -25.46
H2 GOL K . 3.30 4.69 -22.74
HO2 GOL K . 1.89 2.61 -24.13
H31 GOL K . 3.38 2.38 -21.74
H32 GOL K . 4.01 1.78 -23.27
HO3 GOL K . 5.70 2.29 -21.78
NA NA L . 7.47 2.72 -21.17
ZN ZN M . -4.90 -14.45 4.16
ZN ZN N . 5.44 -14.25 14.22
C1 GOL O . 2.30 -1.45 1.56
O1 GOL O . 0.95 -1.14 1.35
C2 GOL O . 2.47 -2.94 1.81
O2 GOL O . 1.90 -3.68 0.74
C3 GOL O . 3.94 -3.29 1.95
O3 GOL O . 4.34 -4.16 0.90
H11 GOL O . 4.12 -3.77 2.90
H12 GOL O . 4.54 -2.39 1.91
HO1 GOL O . 5.30 -4.32 0.95
H2 GOL O . 1.97 -3.20 2.74
HO2 GOL O . 0.94 -3.45 0.67
H31 GOL O . 2.67 -0.89 2.43
H32 GOL O . 2.89 -1.15 0.69
HO3 GOL O . 0.41 -1.51 2.08
N NH4 P . 1.03 -22.69 -0.20
HN1 NH4 P . 0.46 -22.28 -0.88
HN2 NH4 P . 1.96 -22.63 -0.48
HN3 NH4 P . 0.92 -22.20 0.65
HN4 NH4 P . 0.77 -23.62 -0.08
ZN ZN Q . 22.62 -7.05 -10.06
ZN ZN R . 17.87 1.96 0.13
S SO4 S . 21.48 -16.79 -9.64
O1 SO4 S . 21.23 -18.11 -9.09
O2 SO4 S . 21.00 -16.71 -11.01
O3 SO4 S . 22.92 -16.53 -9.62
O4 SO4 S . 20.80 -15.79 -8.82
#